data_5JE0
#
_entry.id   5JE0
#
_cell.length_a   46.857
_cell.length_b   78.558
_cell.length_c   144.315
_cell.angle_alpha   90.00
_cell.angle_beta   90.00
_cell.angle_gamma   90.00
#
_symmetry.space_group_name_H-M   'P 21 21 21'
#
loop_
_entity.id
_entity.type
_entity.pdbx_description
1 polymer 'Methyl transferase'
2 non-polymer S-ADENOSYL-L-HOMOCYSTEINE
3 non-polymer pyrimido[5,4-e][1,2,4]triazine-5,7(6H,8H)-dione
4 water water
#
_entity_poly.entity_id   1
_entity_poly.type   'polypeptide(L)'
_entity_poly.pdbx_seq_one_letter_code
;GHMSTTARYDSIGGLFEDFTQSAAQRAIEVRTIFHMIGDVSGKSVLDLACGFGFFGREIYRRGAAKVVGVDISEKMIELA
REESRKYGDPLEFHVRDVANMEPLGQFDLVNAAWLFNYADSVENLRKMFKVVRASLKPDGKLVAYTVDPDFSLAKGNFAK
YGVNVLNERAWGPGYRHDAEFVTDPPSQFSFYRWSRADYESAIADAGFSHFEWQKPLLEADDIATHPPGFWDVFQNNCLQ
TGLVCKP
;
_entity_poly.pdbx_strand_id   A,B
#
# COMPACT_ATOMS: atom_id res chain seq x y z
N ALA A 7 27.53 -4.76 17.55
CA ALA A 7 26.61 -4.74 16.43
C ALA A 7 25.93 -3.38 16.30
N ARG A 8 25.93 -2.84 15.09
CA ARG A 8 25.42 -1.48 14.90
C ARG A 8 23.96 -1.36 15.29
N TYR A 9 23.16 -2.42 15.08
CA TYR A 9 21.74 -2.30 15.34
C TYR A 9 21.41 -2.34 16.82
N ASP A 10 22.39 -2.59 17.68
CA ASP A 10 22.19 -2.42 19.11
C ASP A 10 21.83 -0.98 19.46
N SER A 11 22.29 -0.02 18.66
CA SER A 11 21.94 1.39 18.82
C SER A 11 20.69 1.78 18.05
N ILE A 12 20.05 0.84 17.39
CA ILE A 12 18.88 1.11 16.54
C ILE A 12 17.62 0.50 17.15
N GLY A 13 17.64 -0.80 17.42
CA GLY A 13 16.57 -1.44 18.17
C GLY A 13 15.21 -1.19 17.55
N GLY A 14 14.26 -0.80 18.40
CA GLY A 14 12.89 -0.60 17.97
C GLY A 14 12.71 0.51 16.95
N LEU A 15 13.72 1.38 16.80
CA LEU A 15 13.62 2.40 15.75
C LEU A 15 13.52 1.77 14.37
N PHE A 16 14.03 0.54 14.19
CA PHE A 16 13.99 -0.08 12.87
C PHE A 16 12.56 -0.44 12.48
N GLU A 17 11.77 -0.96 13.43
CA GLU A 17 10.35 -1.19 13.18
C GLU A 17 9.66 0.11 12.80
N ASP A 18 10.00 1.21 13.50
CA ASP A 18 9.42 2.51 13.15
C ASP A 18 9.71 2.87 11.71
N PHE A 19 10.92 2.56 11.26
CA PHE A 19 11.26 2.81 9.86
C PHE A 19 10.42 1.95 8.93
N THR A 20 10.25 0.65 9.27
CA THR A 20 9.51 -0.21 8.36
C THR A 20 8.04 0.18 8.27
N GLN A 21 7.52 0.90 9.26
CA GLN A 21 6.14 1.33 9.27
C GLN A 21 5.92 2.64 8.52
N SER A 22 6.96 3.44 8.33
CA SER A 22 6.81 4.74 7.69
C SER A 22 7.39 4.82 6.28
N ALA A 23 8.36 3.97 5.94
CA ALA A 23 9.09 4.12 4.69
C ALA A 23 8.26 3.67 3.49
N ALA A 24 8.16 4.54 2.47
CA ALA A 24 7.42 4.20 1.26
C ALA A 24 8.02 2.99 0.55
N GLN A 25 9.32 2.73 0.69
CA GLN A 25 9.91 1.62 -0.03
C GLN A 25 9.50 0.27 0.54
N ARG A 26 9.10 0.23 1.81
CA ARG A 26 8.95 -1.05 2.50
C ARG A 26 7.79 -1.86 1.93
N ALA A 27 6.70 -1.19 1.55
CA ALA A 27 5.58 -1.91 0.93
C ALA A 27 6.01 -2.58 -0.37
N ILE A 28 6.85 -1.91 -1.15
CA ILE A 28 7.28 -2.47 -2.43
C ILE A 28 8.19 -3.67 -2.20
N GLU A 29 9.11 -3.56 -1.25
CA GLU A 29 10.04 -4.65 -1.03
C GLU A 29 9.35 -5.85 -0.42
N VAL A 30 8.40 -5.63 0.49
CA VAL A 30 7.65 -6.75 1.06
C VAL A 30 6.91 -7.51 -0.05
N ARG A 31 6.21 -6.76 -0.90
CA ARG A 31 5.53 -7.36 -2.04
C ARG A 31 6.48 -8.17 -2.92
N THR A 32 7.65 -7.60 -3.23
CA THR A 32 8.59 -8.25 -4.14
C THR A 32 9.15 -9.52 -3.51
N ILE A 33 9.45 -9.46 -2.22
CA ILE A 33 10.03 -10.62 -1.55
C ILE A 33 9.01 -11.76 -1.52
N PHE A 34 7.75 -11.47 -1.21
CA PHE A 34 6.80 -12.58 -1.15
C PHE A 34 6.44 -13.09 -2.54
N HIS A 35 6.53 -12.24 -3.57
CA HIS A 35 6.43 -12.74 -4.93
C HIS A 35 7.53 -13.73 -5.24
N MET A 36 8.78 -13.40 -4.86
CA MET A 36 9.89 -14.33 -5.10
C MET A 36 9.71 -15.61 -4.30
N ILE A 37 9.17 -15.50 -3.09
CA ILE A 37 9.11 -16.66 -2.20
C ILE A 37 8.05 -17.65 -2.69
N GLY A 38 6.87 -17.15 -3.07
CA GLY A 38 5.80 -18.06 -3.44
C GLY A 38 5.22 -18.80 -2.24
N ASP A 39 4.66 -19.97 -2.51
CA ASP A 39 4.00 -20.76 -1.47
C ASP A 39 5.03 -21.34 -0.50
N VAL A 40 4.75 -21.21 0.81
CA VAL A 40 5.66 -21.69 1.84
C VAL A 40 5.06 -22.82 2.67
N SER A 41 3.89 -23.34 2.27
CA SER A 41 3.20 -24.34 3.07
C SER A 41 4.11 -25.53 3.33
N GLY A 42 4.25 -25.88 4.62
CA GLY A 42 5.01 -27.03 5.02
C GLY A 42 6.52 -26.90 4.89
N LYS A 43 7.04 -25.75 4.48
CA LYS A 43 8.48 -25.62 4.27
C LYS A 43 9.21 -25.25 5.56
N SER A 44 10.46 -25.68 5.63
CA SER A 44 11.39 -25.24 6.65
C SER A 44 12.14 -24.03 6.11
N VAL A 45 12.26 -23.00 6.93
CA VAL A 45 12.70 -21.69 6.47
C VAL A 45 13.76 -21.14 7.41
N LEU A 46 14.87 -20.64 6.84
CA LEU A 46 15.91 -19.96 7.58
C LEU A 46 15.91 -18.49 7.15
N ASP A 47 15.73 -17.58 8.12
CA ASP A 47 15.62 -16.14 7.86
C ASP A 47 16.89 -15.48 8.39
N LEU A 48 17.74 -15.03 7.48
CA LEU A 48 19.06 -14.51 7.83
C LEU A 48 19.07 -12.98 7.83
N ALA A 49 19.87 -12.41 8.74
CA ALA A 49 19.81 -10.98 9.05
C ALA A 49 18.36 -10.61 9.40
N CYS A 50 17.77 -11.40 10.30
CA CYS A 50 16.33 -11.41 10.45
C CYS A 50 15.78 -10.17 11.15
N GLY A 51 16.60 -9.39 11.83
CA GLY A 51 16.07 -8.22 12.52
C GLY A 51 15.22 -8.64 13.70
N PHE A 52 14.08 -7.97 13.87
CA PHE A 52 13.13 -8.42 14.89
C PHE A 52 12.31 -9.61 14.41
N GLY A 53 12.62 -10.14 13.23
CA GLY A 53 12.01 -11.34 12.73
C GLY A 53 10.91 -11.14 11.73
N PHE A 54 10.79 -9.96 11.13
CA PHE A 54 9.59 -9.65 10.33
C PHE A 54 9.29 -10.72 9.30
N PHE A 55 10.27 -11.05 8.46
CA PHE A 55 9.99 -11.94 7.33
C PHE A 55 9.74 -13.37 7.80
N GLY A 56 10.61 -13.90 8.65
CA GLY A 56 10.38 -15.24 9.15
C GLY A 56 9.02 -15.39 9.83
N ARG A 57 8.63 -14.37 10.59
CA ARG A 57 7.35 -14.46 11.31
C ARG A 57 6.16 -14.38 10.36
N GLU A 58 6.23 -13.51 9.34
CA GLU A 58 5.16 -13.49 8.34
C GLU A 58 5.16 -14.78 7.51
N ILE A 59 6.34 -15.32 7.22
CA ILE A 59 6.43 -16.59 6.49
C ILE A 59 5.78 -17.70 7.30
N TYR A 60 5.95 -17.68 8.62
CA TYR A 60 5.25 -18.66 9.45
C TYR A 60 3.74 -18.43 9.41
N ARG A 61 3.31 -17.16 9.42
CA ARG A 61 1.88 -16.86 9.35
C ARG A 61 1.27 -17.38 8.06
N ARG A 62 2.05 -17.45 6.99
CA ARG A 62 1.58 -17.92 5.69
C ARG A 62 1.75 -19.42 5.48
N GLY A 63 2.13 -20.16 6.50
CA GLY A 63 1.99 -21.62 6.48
C GLY A 63 3.29 -22.40 6.56
N ALA A 64 4.44 -21.75 6.79
CA ALA A 64 5.69 -22.50 6.90
C ALA A 64 5.64 -23.46 8.08
N ALA A 65 6.28 -24.62 7.92
CA ALA A 65 6.30 -25.62 8.99
C ALA A 65 7.20 -25.22 10.14
N LYS A 66 8.35 -24.61 9.83
CA LYS A 66 9.36 -24.31 10.84
C LYS A 66 10.19 -23.14 10.35
N VAL A 67 10.47 -22.20 11.25
CA VAL A 67 11.20 -20.98 10.91
C VAL A 67 12.28 -20.74 11.96
N VAL A 68 13.51 -20.52 11.49
CA VAL A 68 14.66 -20.17 12.32
C VAL A 68 15.22 -18.84 11.81
N GLY A 69 15.54 -17.93 12.74
CA GLY A 69 16.10 -16.64 12.39
C GLY A 69 17.49 -16.45 12.97
N VAL A 70 18.32 -15.68 12.26
CA VAL A 70 19.70 -15.39 12.67
C VAL A 70 19.96 -13.90 12.45
N ASP A 71 20.53 -13.25 13.46
CA ASP A 71 20.95 -11.86 13.34
C ASP A 71 22.20 -11.67 14.21
N ILE A 72 23.06 -10.76 13.80
CA ILE A 72 24.28 -10.48 14.52
C ILE A 72 24.03 -9.60 15.76
N SER A 73 22.88 -8.95 15.83
CA SER A 73 22.60 -7.99 16.90
C SER A 73 21.83 -8.65 18.04
N GLU A 74 22.42 -8.63 19.23
CA GLU A 74 21.72 -9.08 20.44
C GLU A 74 20.44 -8.30 20.65
N LYS A 75 20.47 -6.98 20.44
CA LYS A 75 19.27 -6.18 20.65
C LYS A 75 18.15 -6.59 19.69
N MET A 76 18.47 -6.79 18.40
CA MET A 76 17.41 -7.15 17.48
C MET A 76 16.86 -8.53 17.80
N ILE A 77 17.72 -9.45 18.24
CA ILE A 77 17.23 -10.77 18.59
C ILE A 77 16.44 -10.74 19.89
N GLU A 78 16.82 -9.88 20.84
CA GLU A 78 15.99 -9.66 22.02
C GLU A 78 14.60 -9.17 21.61
N LEU A 79 14.51 -8.25 20.65
CA LEU A 79 13.21 -7.81 20.18
C LEU A 79 12.48 -8.93 19.45
N ALA A 80 13.22 -9.74 18.69
CA ALA A 80 12.60 -10.85 17.96
C ALA A 80 12.01 -11.86 18.91
N ARG A 81 12.75 -12.21 19.97
CA ARG A 81 12.26 -13.18 20.94
C ARG A 81 11.06 -12.65 21.73
N GLU A 82 11.06 -11.35 22.03
CA GLU A 82 9.91 -10.79 22.74
C GLU A 82 8.66 -10.81 21.86
N GLU A 83 8.82 -10.55 20.55
CA GLU A 83 7.68 -10.62 19.64
C GLU A 83 7.13 -12.03 19.55
N SER A 84 8.01 -13.04 19.50
CA SER A 84 7.54 -14.42 19.46
C SER A 84 6.80 -14.78 20.76
N ARG A 85 7.26 -14.26 21.89
CA ARG A 85 6.54 -14.52 23.15
C ARG A 85 5.21 -13.79 23.18
N LYS A 86 5.16 -12.57 22.65
CA LYS A 86 3.94 -11.77 22.70
C LYS A 86 2.83 -12.44 21.89
N TYR A 87 3.19 -13.13 20.81
CA TYR A 87 2.21 -13.79 19.95
C TYR A 87 2.25 -15.31 20.05
N GLY A 88 3.07 -15.86 20.94
CA GLY A 88 3.12 -17.29 21.18
C GLY A 88 3.49 -18.13 19.96
N ASP A 89 4.39 -17.63 19.12
CA ASP A 89 4.75 -18.39 17.94
C ASP A 89 6.01 -19.22 18.21
N PRO A 90 6.36 -20.17 17.31
CA PRO A 90 7.45 -21.11 17.64
C PRO A 90 8.78 -20.78 17.00
N LEU A 91 8.99 -19.53 16.58
CA LEU A 91 10.24 -19.20 15.93
C LEU A 91 11.38 -19.32 16.93
N GLU A 92 12.53 -19.78 16.44
CA GLU A 92 13.77 -19.85 17.20
C GLU A 92 14.80 -18.90 16.59
N PHE A 93 15.59 -18.25 17.44
CA PHE A 93 16.49 -17.20 16.97
C PHE A 93 17.90 -17.47 17.49
N HIS A 94 18.89 -17.07 16.71
CA HIS A 94 20.30 -17.17 17.04
C HIS A 94 20.97 -15.84 16.79
N VAL A 95 21.95 -15.51 17.64
CA VAL A 95 22.76 -14.30 17.51
C VAL A 95 24.07 -14.78 16.92
N ARG A 96 24.24 -14.59 15.60
CA ARG A 96 25.45 -15.00 14.89
C ARG A 96 25.72 -14.03 13.75
N ASP A 97 27.01 -13.81 13.49
CA ASP A 97 27.44 -13.25 12.21
C ASP A 97 27.31 -14.33 11.14
N VAL A 98 26.42 -14.11 10.17
CA VAL A 98 26.13 -15.15 9.20
C VAL A 98 27.36 -15.56 8.41
N ALA A 99 28.31 -14.64 8.21
CA ALA A 99 29.51 -14.99 7.45
C ALA A 99 30.30 -16.10 8.11
N ASN A 100 30.22 -16.19 9.44
CA ASN A 100 30.95 -17.22 10.17
C ASN A 100 30.01 -18.08 11.02
N MET A 101 28.81 -18.33 10.51
CA MET A 101 27.77 -19.06 11.23
C MET A 101 28.09 -20.55 11.34
N GLU A 102 27.91 -21.11 12.54
CA GLU A 102 27.87 -22.56 12.67
C GLU A 102 26.74 -23.11 11.82
N PRO A 103 26.93 -24.26 11.17
CA PRO A 103 25.87 -24.83 10.33
C PRO A 103 24.59 -25.11 11.11
N LEU A 104 23.44 -24.76 10.50
CA LEU A 104 22.13 -25.02 11.06
C LEU A 104 21.37 -26.11 10.32
N GLY A 105 22.00 -26.77 9.34
CA GLY A 105 21.33 -27.80 8.57
C GLY A 105 20.74 -27.26 7.27
N GLN A 106 20.08 -28.16 6.54
CA GLN A 106 19.53 -27.84 5.23
C GLN A 106 18.04 -27.52 5.31
N PHE A 107 17.65 -26.39 4.75
CA PHE A 107 16.27 -25.91 4.75
C PHE A 107 15.69 -25.93 3.35
N ASP A 108 14.35 -25.87 3.27
CA ASP A 108 13.71 -25.69 1.98
C ASP A 108 13.97 -24.31 1.41
N LEU A 109 14.06 -23.30 2.27
CA LEU A 109 14.05 -21.91 1.85
C LEU A 109 14.94 -21.09 2.77
N VAL A 110 15.85 -20.30 2.19
CA VAL A 110 16.60 -19.29 2.92
C VAL A 110 16.11 -17.94 2.45
N ASN A 111 15.61 -17.13 3.39
CA ASN A 111 15.24 -15.75 3.10
C ASN A 111 16.30 -14.86 3.72
N ALA A 112 16.83 -13.92 2.92
CA ALA A 112 17.93 -13.05 3.36
C ALA A 112 17.61 -11.64 2.89
N ALA A 113 16.76 -10.95 3.65
CA ALA A 113 16.40 -9.57 3.34
C ALA A 113 17.38 -8.65 4.06
N TRP A 114 18.26 -8.01 3.29
CA TRP A 114 19.26 -7.07 3.80
C TRP A 114 20.34 -7.78 4.62
N LEU A 115 20.82 -8.90 4.08
CA LEU A 115 22.01 -9.59 4.59
C LEU A 115 23.28 -9.16 3.85
N PHE A 116 23.28 -9.29 2.52
CA PHE A 116 24.54 -9.31 1.78
C PHE A 116 25.18 -7.94 1.71
N ASN A 117 24.40 -6.87 1.86
CA ASN A 117 24.93 -5.52 1.95
C ASN A 117 25.63 -5.23 3.27
N TYR A 118 25.70 -6.19 4.18
CA TYR A 118 26.51 -6.02 5.37
C TYR A 118 27.83 -6.77 5.29
N ALA A 119 28.04 -7.56 4.24
CA ALA A 119 29.37 -8.13 4.00
C ALA A 119 30.36 -7.00 3.77
N ASP A 120 31.39 -6.92 4.62
CA ASP A 120 32.30 -5.77 4.60
C ASP A 120 33.52 -6.01 3.72
N SER A 121 33.53 -7.13 3.00
CA SER A 121 34.55 -7.42 2.02
C SER A 121 33.96 -8.40 1.02
N VAL A 122 34.59 -8.46 -0.15
CA VAL A 122 34.20 -9.47 -1.13
C VAL A 122 34.43 -10.86 -0.54
N GLU A 123 35.52 -11.04 0.20
CA GLU A 123 35.75 -12.30 0.91
C GLU A 123 34.54 -12.69 1.75
N ASN A 124 34.00 -11.74 2.51
CA ASN A 124 32.87 -12.09 3.37
C ASN A 124 31.57 -12.24 2.59
N LEU A 125 31.39 -11.50 1.48
CA LEU A 125 30.27 -11.75 0.60
C LEU A 125 30.29 -13.20 0.12
N ARG A 126 31.46 -13.67 -0.31
CA ARG A 126 31.57 -15.02 -0.83
C ARG A 126 31.31 -16.04 0.27
N LYS A 127 31.81 -15.78 1.48
CA LYS A 127 31.55 -16.67 2.62
C LYS A 127 30.06 -16.76 2.92
N MET A 128 29.36 -15.63 2.88
CA MET A 128 27.92 -15.67 3.15
C MET A 128 27.19 -16.55 2.14
N PHE A 129 27.54 -16.43 0.85
CA PHE A 129 26.85 -17.26 -0.13
C PHE A 129 27.15 -18.73 0.07
N LYS A 130 28.35 -19.08 0.53
CA LYS A 130 28.64 -20.48 0.83
C LYS A 130 27.86 -20.96 2.05
N VAL A 131 27.73 -20.10 3.07
CA VAL A 131 26.88 -20.43 4.23
C VAL A 131 25.44 -20.67 3.80
N VAL A 132 24.91 -19.86 2.86
CA VAL A 132 23.55 -20.06 2.41
C VAL A 132 23.42 -21.38 1.67
N ARG A 133 24.37 -21.69 0.78
CA ARG A 133 24.29 -22.94 0.05
C ARG A 133 24.30 -24.13 0.99
N ALA A 134 25.17 -24.08 2.00
CA ALA A 134 25.24 -25.15 3.00
C ALA A 134 23.98 -25.24 3.85
N SER A 135 23.11 -24.23 3.81
CA SER A 135 21.86 -24.24 4.52
C SER A 135 20.67 -24.63 3.64
N LEU A 136 20.94 -25.15 2.44
CA LEU A 136 19.89 -25.41 1.46
C LEU A 136 19.85 -26.87 1.08
N LYS A 137 18.63 -27.42 1.03
CA LYS A 137 18.40 -28.72 0.44
C LYS A 137 18.72 -28.67 -1.06
N PRO A 138 18.97 -29.82 -1.69
CA PRO A 138 19.32 -29.80 -3.12
C PRO A 138 18.23 -29.21 -4.02
N ASP A 139 16.97 -29.21 -3.58
CA ASP A 139 15.89 -28.57 -4.32
C ASP A 139 15.37 -27.31 -3.63
N GLY A 140 16.18 -26.71 -2.75
CA GLY A 140 15.78 -25.51 -2.05
C GLY A 140 16.11 -24.26 -2.86
N LYS A 141 15.83 -23.11 -2.25
CA LYS A 141 16.20 -21.85 -2.91
C LYS A 141 16.48 -20.75 -1.90
N LEU A 142 17.29 -19.79 -2.36
CA LEU A 142 17.59 -18.55 -1.68
C LEU A 142 16.73 -17.43 -2.25
N VAL A 143 15.99 -16.72 -1.41
CA VAL A 143 15.36 -15.46 -1.81
C VAL A 143 16.07 -14.36 -1.05
N ALA A 144 16.65 -13.42 -1.77
CA ALA A 144 17.49 -12.40 -1.15
C ALA A 144 17.04 -11.00 -1.58
N TYR A 145 17.31 -10.03 -0.73
CA TYR A 145 17.02 -8.64 -1.05
C TYR A 145 18.22 -7.82 -0.63
N THR A 146 18.75 -7.01 -1.53
CA THR A 146 20.02 -6.37 -1.21
C THR A 146 20.11 -5.06 -1.99
N VAL A 147 21.27 -4.42 -1.88
CA VAL A 147 21.55 -3.18 -2.60
C VAL A 147 21.78 -3.48 -4.08
N ASP A 148 21.08 -2.73 -4.94
CA ASP A 148 21.32 -2.83 -6.37
C ASP A 148 22.74 -2.37 -6.67
N PRO A 149 23.59 -3.21 -7.26
CA PRO A 149 24.95 -2.76 -7.61
C PRO A 149 24.99 -1.45 -8.38
N ASP A 150 23.94 -1.14 -9.15
CA ASP A 150 23.96 0.03 -10.03
C ASP A 150 23.58 1.33 -9.34
N PHE A 151 23.16 1.29 -8.07
CA PHE A 151 22.81 2.52 -7.38
C PHE A 151 23.99 3.49 -7.35
N SER A 152 23.71 4.77 -7.56
CA SER A 152 24.74 5.80 -7.50
C SER A 152 24.16 6.98 -6.72
N LEU A 153 24.81 7.37 -5.63
CA LEU A 153 24.23 8.40 -4.77
C LEU A 153 24.02 9.70 -5.54
N ALA A 154 24.98 10.09 -6.38
CA ALA A 154 24.84 11.34 -7.12
C ALA A 154 23.62 11.36 -8.02
N LYS A 155 23.06 10.19 -8.37
CA LYS A 155 21.92 10.15 -9.28
C LYS A 155 20.58 10.30 -8.54
N GLY A 156 20.60 10.35 -7.21
CA GLY A 156 19.37 10.57 -6.47
C GLY A 156 19.36 9.81 -5.17
N ASN A 157 19.17 10.55 -4.08
CA ASN A 157 19.09 9.96 -2.75
C ASN A 157 17.76 9.22 -2.59
N PHE A 158 17.70 8.37 -1.56
CA PHE A 158 16.53 7.55 -1.28
C PHE A 158 15.74 8.03 -0.06
N ALA A 159 16.10 9.20 0.48
CA ALA A 159 15.48 9.65 1.73
C ALA A 159 13.96 9.71 1.62
N LYS A 160 13.43 10.21 0.49
CA LYS A 160 11.98 10.28 0.32
C LYS A 160 11.31 8.92 0.36
N TYR A 161 12.07 7.84 0.12
CA TYR A 161 11.54 6.48 0.22
C TYR A 161 11.81 5.85 1.58
N GLY A 162 12.52 6.53 2.48
CA GLY A 162 12.77 6.02 3.82
C GLY A 162 14.24 5.86 4.18
N VAL A 163 15.16 5.89 3.23
CA VAL A 163 16.58 5.63 3.51
C VAL A 163 17.38 6.81 3.02
N ASN A 164 17.85 7.64 3.95
CA ASN A 164 18.71 8.78 3.64
C ASN A 164 20.13 8.29 3.55
N VAL A 165 20.66 8.21 2.33
CA VAL A 165 22.03 7.76 2.12
C VAL A 165 22.92 8.99 2.24
N LEU A 166 23.80 8.99 3.23
CA LEU A 166 24.53 10.17 3.61
C LEU A 166 25.76 10.41 2.74
N ASN A 167 26.42 9.35 2.31
CA ASN A 167 27.68 9.51 1.58
C ASN A 167 27.94 8.23 0.80
N GLU A 168 29.02 8.26 0.04
CA GLU A 168 29.40 7.14 -0.81
C GLU A 168 30.92 7.19 -0.94
N ARG A 169 31.59 6.16 -0.47
CA ARG A 169 33.05 6.13 -0.50
C ARG A 169 33.51 4.84 -1.15
N ALA A 170 34.53 4.92 -2.00
CA ALA A 170 35.14 3.71 -2.51
C ALA A 170 35.61 2.84 -1.35
N TRP A 171 35.43 1.54 -1.50
CA TRP A 171 35.79 0.57 -0.44
C TRP A 171 36.33 -0.69 -1.14
N GLY A 172 37.63 -0.70 -1.40
CA GLY A 172 38.19 -1.77 -2.18
C GLY A 172 37.55 -1.83 -3.54
N PRO A 173 37.03 -3.00 -3.91
CA PRO A 173 36.36 -3.17 -5.21
C PRO A 173 34.90 -2.73 -5.23
N GLY A 174 34.35 -2.30 -4.11
CA GLY A 174 32.98 -1.84 -4.02
C GLY A 174 32.90 -0.45 -3.42
N TYR A 175 31.76 -0.17 -2.79
CA TYR A 175 31.50 1.11 -2.18
C TYR A 175 30.93 0.93 -0.79
N ARG A 176 31.18 1.90 0.07
CA ARG A 176 30.65 1.91 1.42
C ARG A 176 29.77 3.14 1.58
N HIS A 177 28.59 2.93 2.15
CA HIS A 177 27.61 3.99 2.37
C HIS A 177 27.31 4.11 3.86
N ASP A 178 27.41 5.33 4.38
CA ASP A 178 26.74 5.66 5.63
C ASP A 178 25.34 6.15 5.30
N ALA A 179 24.36 5.71 6.09
CA ALA A 179 22.97 6.04 5.82
C ALA A 179 22.25 6.24 7.14
N GLU A 180 21.01 6.71 7.05
CA GLU A 180 20.16 6.68 8.22
C GLU A 180 18.75 6.36 7.76
N PHE A 181 18.07 5.50 8.51
CA PHE A 181 16.65 5.33 8.30
C PHE A 181 15.94 6.62 8.71
N VAL A 182 14.89 6.98 7.96
CA VAL A 182 14.16 8.20 8.28
C VAL A 182 13.23 7.91 9.45
N THR A 183 13.72 8.17 10.66
CA THR A 183 12.98 7.92 11.90
C THR A 183 13.19 9.13 12.82
N ASP A 184 12.58 9.05 14.00
CA ASP A 184 12.69 10.10 15.00
C ASP A 184 13.25 9.53 16.30
N PRO A 185 14.55 9.74 16.57
CA PRO A 185 15.55 10.43 15.72
C PRO A 185 16.04 9.52 14.60
N PRO A 186 16.78 10.07 13.64
CA PRO A 186 17.34 9.23 12.57
C PRO A 186 18.19 8.11 13.14
N SER A 187 18.21 7.00 12.41
CA SER A 187 18.87 5.76 12.83
C SER A 187 20.04 5.47 11.88
N GLN A 188 21.27 5.66 12.36
CA GLN A 188 22.46 5.58 11.53
C GLN A 188 22.89 4.13 11.30
N PHE A 189 23.22 3.81 10.05
CA PHE A 189 23.78 2.51 9.74
C PHE A 189 24.68 2.65 8.52
N SER A 190 25.51 1.64 8.31
CA SER A 190 26.44 1.63 7.19
C SER A 190 26.29 0.32 6.45
N PHE A 191 26.45 0.37 5.14
CA PHE A 191 26.33 -0.84 4.34
C PHE A 191 27.27 -0.73 3.16
N TYR A 192 27.36 -1.82 2.42
CA TYR A 192 28.31 -1.99 1.35
C TYR A 192 27.58 -2.32 0.06
N ARG A 193 28.12 -1.80 -1.03
CA ARG A 193 27.57 -1.96 -2.38
C ARG A 193 28.64 -2.64 -3.21
N TRP A 194 28.49 -3.96 -3.36
CA TRP A 194 29.38 -4.77 -4.19
C TRP A 194 28.85 -4.85 -5.61
N SER A 195 29.79 -5.05 -6.54
CA SER A 195 29.44 -5.04 -7.95
C SER A 195 28.64 -6.27 -8.34
N ARG A 196 27.94 -6.16 -9.47
CA ARG A 196 27.14 -7.27 -9.96
C ARG A 196 28.04 -8.46 -10.31
N ALA A 197 29.20 -8.19 -10.91
CA ALA A 197 30.13 -9.26 -11.21
C ALA A 197 30.57 -9.99 -9.95
N ASP A 198 30.87 -9.25 -8.87
CA ASP A 198 31.34 -9.92 -7.66
C ASP A 198 30.21 -10.69 -7.00
N TYR A 199 28.98 -10.18 -7.08
CA TYR A 199 27.84 -10.95 -6.59
C TYR A 199 27.70 -12.24 -7.38
N GLU A 200 27.73 -12.16 -8.70
CA GLU A 200 27.51 -13.35 -9.51
C GLU A 200 28.64 -14.36 -9.38
N SER A 201 29.87 -13.89 -9.17
CA SER A 201 30.97 -14.82 -8.90
C SER A 201 30.79 -15.52 -7.55
N ALA A 202 30.36 -14.78 -6.52
CA ALA A 202 30.10 -15.42 -5.23
C ALA A 202 28.98 -16.45 -5.35
N ILE A 203 27.95 -16.12 -6.13
CA ILE A 203 26.86 -17.05 -6.37
C ILE A 203 27.37 -18.31 -7.06
N ALA A 204 28.10 -18.13 -8.17
CA ALA A 204 28.62 -19.29 -8.91
C ALA A 204 29.53 -20.15 -8.02
N ASP A 205 30.45 -19.52 -7.29
CA ASP A 205 31.44 -20.30 -6.58
C ASP A 205 30.87 -20.93 -5.31
N ALA A 206 29.73 -20.43 -4.82
CA ALA A 206 29.02 -21.12 -3.74
C ALA A 206 28.24 -22.32 -4.24
N GLY A 207 28.24 -22.59 -5.54
CA GLY A 207 27.57 -23.75 -6.09
C GLY A 207 26.12 -23.54 -6.47
N PHE A 208 25.71 -22.30 -6.72
CA PHE A 208 24.38 -22.00 -7.25
C PHE A 208 24.44 -21.98 -8.78
N SER A 209 23.82 -22.97 -9.43
CA SER A 209 23.84 -22.97 -10.89
C SER A 209 22.77 -22.08 -11.51
N HIS A 210 21.82 -21.59 -10.72
CA HIS A 210 20.79 -20.70 -11.25
C HIS A 210 20.68 -19.46 -10.37
N PHE A 211 20.58 -18.30 -11.02
CA PHE A 211 20.30 -17.07 -10.30
C PHE A 211 19.49 -16.16 -11.20
N GLU A 212 18.71 -15.29 -10.56
CA GLU A 212 17.92 -14.31 -11.28
C GLU A 212 17.84 -13.05 -10.43
N TRP A 213 18.19 -11.91 -11.00
CA TRP A 213 17.90 -10.62 -10.35
C TRP A 213 16.44 -10.27 -10.57
N GLN A 214 15.83 -9.62 -9.57
CA GLN A 214 14.39 -9.32 -9.60
C GLN A 214 14.18 -7.83 -9.34
N LYS A 215 13.52 -7.16 -10.29
CA LYS A 215 13.18 -5.74 -10.13
C LYS A 215 12.09 -5.58 -9.06
N PRO A 216 12.21 -4.58 -8.18
CA PRO A 216 11.14 -4.31 -7.21
C PRO A 216 9.80 -4.09 -7.90
N LEU A 217 8.73 -4.60 -7.30
CA LEU A 217 7.42 -4.65 -7.95
C LEU A 217 6.59 -3.40 -7.64
N LEU A 218 7.00 -2.31 -8.24
CA LEU A 218 6.21 -1.08 -8.22
C LEU A 218 5.00 -1.23 -9.12
N GLU A 219 3.82 -0.83 -8.63
CA GLU A 219 2.56 -1.13 -9.30
C GLU A 219 1.76 0.13 -9.56
N ALA A 220 0.72 -0.04 -10.38
CA ALA A 220 -0.14 1.07 -10.80
C ALA A 220 -0.68 1.85 -9.61
N ASP A 221 -1.17 1.16 -8.58
CA ASP A 221 -1.72 1.88 -7.44
C ASP A 221 -0.65 2.66 -6.68
N ASP A 222 0.61 2.17 -6.64
CA ASP A 222 1.67 2.93 -5.98
C ASP A 222 1.94 4.25 -6.70
N ILE A 223 1.95 4.21 -8.03
CA ILE A 223 2.15 5.44 -8.77
C ILE A 223 0.95 6.35 -8.61
N ALA A 224 -0.25 5.78 -8.48
CA ALA A 224 -1.48 6.59 -8.44
C ALA A 224 -1.55 7.45 -7.17
N THR A 225 -1.09 6.92 -6.03
CA THR A 225 -1.32 7.55 -4.73
C THR A 225 -0.13 8.35 -4.22
N HIS A 226 0.82 8.67 -5.09
CA HIS A 226 1.86 9.64 -4.79
C HIS A 226 1.89 10.64 -5.94
N PRO A 227 2.43 11.84 -5.72
CA PRO A 227 2.51 12.84 -6.80
C PRO A 227 3.21 12.28 -8.02
N PRO A 228 2.81 12.66 -9.23
CA PRO A 228 3.51 12.17 -10.44
C PRO A 228 5.02 12.35 -10.31
N GLY A 229 5.76 11.33 -10.74
CA GLY A 229 7.21 11.37 -10.68
C GLY A 229 7.82 11.00 -9.35
N PHE A 230 6.99 10.80 -8.31
CA PHE A 230 7.51 10.50 -6.98
C PHE A 230 8.45 9.30 -7.01
N TRP A 231 8.13 8.32 -7.85
CA TRP A 231 8.89 7.07 -7.93
C TRP A 231 9.96 7.09 -9.00
N ASP A 232 10.24 8.25 -9.62
CA ASP A 232 11.23 8.33 -10.68
C ASP A 232 12.60 7.84 -10.22
N VAL A 233 13.12 8.40 -9.12
CA VAL A 233 14.43 7.95 -8.61
C VAL A 233 14.39 6.47 -8.26
N PHE A 234 13.28 6.01 -7.68
CA PHE A 234 13.14 4.60 -7.35
C PHE A 234 13.27 3.74 -8.60
N GLN A 235 12.79 4.24 -9.74
CA GLN A 235 12.83 3.46 -10.97
C GLN A 235 14.13 3.61 -11.74
N ASN A 236 14.77 4.79 -11.73
CA ASN A 236 15.97 4.98 -12.52
C ASN A 236 17.24 4.99 -11.68
N ASN A 237 17.14 4.89 -10.36
CA ASN A 237 18.33 4.80 -9.51
C ASN A 237 18.01 3.96 -8.28
N CYS A 238 17.40 2.81 -8.51
CA CYS A 238 16.91 2.02 -7.38
C CYS A 238 18.06 1.60 -6.46
N LEU A 239 17.85 1.81 -5.16
CA LEU A 239 18.81 1.35 -4.18
C LEU A 239 18.70 -0.15 -3.91
N GLN A 240 17.59 -0.77 -4.27
CA GLN A 240 17.32 -2.13 -3.85
C GLN A 240 17.04 -3.05 -5.03
N THR A 241 17.27 -4.35 -4.80
CA THR A 241 16.98 -5.36 -5.80
C THR A 241 16.64 -6.66 -5.12
N GLY A 242 15.80 -7.49 -5.77
CA GLY A 242 15.67 -8.87 -5.36
C GLY A 242 16.68 -9.78 -6.07
N LEU A 243 16.84 -10.99 -5.52
CA LEU A 243 17.77 -11.97 -6.07
C LEU A 243 17.27 -13.35 -5.66
N VAL A 244 17.08 -14.25 -6.63
CA VAL A 244 16.72 -15.64 -6.34
C VAL A 244 17.84 -16.55 -6.84
N CYS A 245 18.32 -17.43 -5.98
CA CYS A 245 19.35 -18.40 -6.33
C CYS A 245 18.89 -19.82 -6.03
N LYS A 246 19.20 -20.75 -6.94
CA LYS A 246 18.93 -22.17 -6.74
C LYS A 246 20.16 -22.99 -7.04
N PRO A 247 20.36 -24.11 -6.32
CA PRO A 247 21.48 -25.00 -6.60
C PRO A 247 21.53 -25.44 -8.06
N ALA B 7 -20.95 24.94 0.00
CA ALA B 7 -20.56 23.52 0.04
C ALA B 7 -19.59 23.24 1.17
N ARG B 8 -19.74 22.09 1.84
CA ARG B 8 -18.89 21.80 2.99
C ARG B 8 -17.42 21.74 2.63
N TYR B 9 -17.09 21.23 1.44
CA TYR B 9 -15.67 21.04 1.18
C TYR B 9 -14.98 22.34 0.80
N ASP B 10 -15.72 23.41 0.61
CA ASP B 10 -15.07 24.71 0.49
C ASP B 10 -14.22 25.05 1.70
N SER B 11 -14.54 24.48 2.87
CA SER B 11 -13.77 24.72 4.10
C SER B 11 -12.70 23.67 4.31
N ILE B 12 -12.64 22.67 3.44
CA ILE B 12 -11.69 21.56 3.54
C ILE B 12 -10.57 21.73 2.52
N GLY B 13 -10.92 21.86 1.24
CA GLY B 13 -9.92 22.21 0.24
C GLY B 13 -8.76 21.24 0.22
N GLY B 14 -7.54 21.81 0.29
CA GLY B 14 -6.32 21.02 0.18
C GLY B 14 -6.11 20.00 1.28
N LEU B 15 -6.83 20.17 2.40
CA LEU B 15 -6.69 19.18 3.46
C LEU B 15 -7.19 17.82 3.03
N PHE B 16 -8.11 17.76 2.07
CA PHE B 16 -8.60 16.45 1.67
C PHE B 16 -7.49 15.64 1.02
N GLU B 17 -6.68 16.27 0.17
N GLU B 17 -6.65 16.26 0.18
CA GLU B 17 -5.54 15.56 -0.41
CA GLU B 17 -5.55 15.49 -0.41
C GLU B 17 -4.58 15.10 0.67
C GLU B 17 -4.54 15.11 0.67
N ASP B 18 -4.32 15.96 1.67
CA ASP B 18 -3.48 15.57 2.80
C ASP B 18 -4.00 14.29 3.45
N PHE B 19 -5.32 14.23 3.64
CA PHE B 19 -5.93 13.00 4.17
C PHE B 19 -5.72 11.82 3.23
N THR B 20 -5.93 12.00 1.91
CA THR B 20 -5.81 10.82 1.06
C THR B 20 -4.38 10.27 1.04
N GLN B 21 -3.39 11.10 1.34
N GLN B 21 -3.38 11.12 1.30
CA GLN B 21 -1.98 10.71 1.31
CA GLN B 21 -1.99 10.65 1.31
C GLN B 21 -1.46 10.20 2.65
C GLN B 21 -1.67 9.86 2.58
N SER B 22 -2.29 10.21 3.70
CA SER B 22 -1.90 9.69 5.01
C SER B 22 -2.81 8.61 5.55
N ALA B 23 -4.04 8.48 5.07
CA ALA B 23 -4.99 7.56 5.69
C ALA B 23 -4.73 6.13 5.25
N ALA B 24 -4.70 5.22 6.23
CA ALA B 24 -4.46 3.80 5.92
C ALA B 24 -5.57 3.21 5.06
N GLN B 25 -6.81 3.70 5.20
CA GLN B 25 -7.90 3.14 4.42
C GLN B 25 -7.78 3.44 2.93
N ARG B 26 -7.07 4.51 2.57
CA ARG B 26 -7.15 5.00 1.19
C ARG B 26 -6.53 4.01 0.22
N ALA B 27 -5.41 3.38 0.58
CA ALA B 27 -4.82 2.38 -0.31
C ALA B 27 -5.80 1.24 -0.57
N ILE B 28 -6.55 0.84 0.46
CA ILE B 28 -7.48 -0.25 0.32
C ILE B 28 -8.64 0.14 -0.58
N GLU B 29 -9.17 1.34 -0.39
CA GLU B 29 -10.30 1.75 -1.21
C GLU B 29 -9.88 1.99 -2.67
N VAL B 30 -8.70 2.55 -2.92
CA VAL B 30 -8.23 2.73 -4.30
C VAL B 30 -8.11 1.38 -5.01
N ARG B 31 -7.49 0.40 -4.34
CA ARG B 31 -7.40 -0.94 -4.88
C ARG B 31 -8.77 -1.52 -5.22
N THR B 32 -9.72 -1.41 -4.29
CA THR B 32 -11.04 -1.98 -4.50
C THR B 32 -11.75 -1.29 -5.66
N ILE B 33 -11.66 0.02 -5.72
CA ILE B 33 -12.36 0.75 -6.77
C ILE B 33 -11.79 0.37 -8.14
N PHE B 34 -10.48 0.29 -8.27
CA PHE B 34 -9.98 -0.09 -9.58
C PHE B 34 -10.24 -1.57 -9.89
N HIS B 35 -10.31 -2.43 -8.87
CA HIS B 35 -10.77 -3.79 -9.13
C HIS B 35 -12.17 -3.81 -9.75
N MET B 36 -13.08 -2.99 -9.22
CA MET B 36 -14.45 -2.97 -9.70
C MET B 36 -14.52 -2.37 -11.10
N ILE B 37 -13.69 -1.37 -11.37
CA ILE B 37 -13.72 -0.68 -12.67
C ILE B 37 -13.23 -1.61 -13.78
N GLY B 38 -12.06 -2.24 -13.58
CA GLY B 38 -11.47 -3.05 -14.65
C GLY B 38 -10.85 -2.19 -15.74
N ASP B 39 -10.72 -2.80 -16.93
CA ASP B 39 -10.15 -2.10 -18.08
C ASP B 39 -11.00 -0.90 -18.46
N VAL B 40 -10.36 0.27 -18.57
CA VAL B 40 -11.04 1.50 -18.99
C VAL B 40 -10.66 1.94 -20.39
N SER B 41 -9.80 1.19 -21.09
CA SER B 41 -9.31 1.61 -22.38
C SER B 41 -10.45 2.06 -23.29
N GLY B 42 -10.37 3.30 -23.78
CA GLY B 42 -11.29 3.81 -24.76
C GLY B 42 -12.65 4.23 -24.25
N LYS B 43 -12.90 4.16 -22.95
CA LYS B 43 -14.24 4.42 -22.46
C LYS B 43 -14.44 5.91 -22.15
N SER B 44 -15.69 6.34 -22.21
CA SER B 44 -16.06 7.64 -21.66
C SER B 44 -16.46 7.45 -20.21
N VAL B 45 -15.98 8.34 -19.35
CA VAL B 45 -16.11 8.19 -17.92
C VAL B 45 -16.62 9.48 -17.29
N LEU B 46 -17.61 9.36 -16.41
CA LEU B 46 -18.12 10.46 -15.59
C LEU B 46 -17.77 10.18 -14.14
N ASP B 47 -17.01 11.07 -13.52
CA ASP B 47 -16.54 10.93 -12.14
C ASP B 47 -17.36 11.87 -11.26
N LEU B 48 -18.28 11.32 -10.47
CA LEU B 48 -19.21 12.12 -9.67
C LEU B 48 -18.71 12.29 -8.23
N ALA B 49 -18.96 13.47 -7.65
CA ALA B 49 -18.37 13.83 -6.37
C ALA B 49 -16.84 13.74 -6.44
N CYS B 50 -16.27 14.32 -7.48
CA CYS B 50 -14.91 13.98 -7.88
C CYS B 50 -13.83 14.57 -6.99
N GLY B 51 -14.14 15.54 -6.14
CA GLY B 51 -13.09 16.09 -5.30
C GLY B 51 -12.12 16.89 -6.16
N PHE B 52 -10.84 16.71 -5.91
CA PHE B 52 -9.83 17.33 -6.77
C PHE B 52 -9.58 16.52 -8.05
N GLY B 53 -10.37 15.48 -8.26
CA GLY B 53 -10.35 14.74 -9.50
C GLY B 53 -9.57 13.44 -9.47
N PHE B 54 -9.24 12.91 -8.29
CA PHE B 54 -8.31 11.79 -8.21
C PHE B 54 -8.71 10.62 -9.11
N PHE B 55 -9.94 10.13 -8.98
CA PHE B 55 -10.29 8.90 -9.72
C PHE B 55 -10.40 9.13 -11.22
N GLY B 56 -11.14 10.16 -11.64
CA GLY B 56 -11.19 10.48 -13.06
C GLY B 56 -9.81 10.68 -13.68
N ARG B 57 -8.90 11.34 -12.96
CA ARG B 57 -7.58 11.62 -13.50
C ARG B 57 -6.74 10.35 -13.63
N GLU B 58 -6.82 9.45 -12.64
CA GLU B 58 -6.15 8.16 -12.75
C GLU B 58 -6.81 7.26 -13.79
N ILE B 59 -8.14 7.35 -13.95
CA ILE B 59 -8.82 6.59 -14.99
C ILE B 59 -8.35 7.04 -16.37
N TYR B 60 -8.14 8.34 -16.56
CA TYR B 60 -7.59 8.85 -17.80
C TYR B 60 -6.16 8.35 -18.03
N ARG B 61 -5.35 8.33 -16.97
CA ARG B 61 -3.99 7.82 -17.10
C ARG B 61 -3.98 6.34 -17.47
N ARG B 62 -4.98 5.57 -17.03
CA ARG B 62 -5.09 4.17 -17.39
C ARG B 62 -5.81 3.93 -18.72
N GLY B 63 -6.06 4.98 -19.49
CA GLY B 63 -6.43 4.83 -20.87
C GLY B 63 -7.85 5.21 -21.26
N ALA B 64 -8.64 5.80 -20.37
CA ALA B 64 -9.97 6.24 -20.78
C ALA B 64 -9.88 7.29 -21.88
N ALA B 65 -10.87 7.29 -22.78
CA ALA B 65 -10.88 8.22 -23.91
C ALA B 65 -11.29 9.63 -23.51
N LYS B 66 -12.24 9.75 -22.59
CA LYS B 66 -12.77 11.05 -22.16
CA LYS B 66 -12.76 11.05 -22.17
C LYS B 66 -13.23 10.94 -20.72
N VAL B 67 -12.91 11.96 -19.93
CA VAL B 67 -13.30 11.99 -18.52
C VAL B 67 -13.89 13.35 -18.18
N VAL B 68 -15.05 13.34 -17.51
CA VAL B 68 -15.73 14.52 -17.01
C VAL B 68 -15.92 14.33 -15.52
N GLY B 69 -15.59 15.35 -14.73
CA GLY B 69 -15.80 15.32 -13.28
C GLY B 69 -16.84 16.33 -12.83
N VAL B 70 -17.59 15.97 -11.79
CA VAL B 70 -18.63 16.82 -11.22
C VAL B 70 -18.48 16.82 -9.70
N ASP B 71 -18.51 18.01 -9.10
CA ASP B 71 -18.47 18.16 -7.65
C ASP B 71 -19.28 19.39 -7.24
N ILE B 72 -19.91 19.33 -6.05
CA ILE B 72 -20.71 20.46 -5.57
C ILE B 72 -19.86 21.64 -5.09
N SER B 73 -18.58 21.40 -4.76
CA SER B 73 -17.72 22.41 -4.13
C SER B 73 -16.93 23.18 -5.18
N GLU B 74 -17.15 24.49 -5.24
CA GLU B 74 -16.35 25.37 -6.08
C GLU B 74 -14.86 25.24 -5.77
N LYS B 75 -14.51 25.12 -4.49
CA LYS B 75 -13.11 25.00 -4.11
C LYS B 75 -12.52 23.68 -4.58
N MET B 76 -13.23 22.57 -4.40
CA MET B 76 -12.68 21.31 -4.89
C MET B 76 -12.46 21.36 -6.40
N ILE B 77 -13.41 21.95 -7.13
CA ILE B 77 -13.28 22.01 -8.59
C ILE B 77 -12.15 22.95 -9.00
N GLU B 78 -11.94 24.05 -8.28
CA GLU B 78 -10.77 24.87 -8.59
C GLU B 78 -9.50 24.06 -8.39
N LEU B 79 -9.42 23.29 -7.30
CA LEU B 79 -8.26 22.44 -7.11
C LEU B 79 -8.12 21.45 -8.25
N ALA B 80 -9.25 20.85 -8.67
CA ALA B 80 -9.24 19.88 -9.75
C ALA B 80 -8.75 20.51 -11.05
N ARG B 81 -9.28 21.67 -11.38
CA ARG B 81 -8.88 22.35 -12.62
C ARG B 81 -7.40 22.73 -12.58
N GLU B 82 -6.89 23.10 -11.41
CA GLU B 82 -5.48 23.47 -11.35
C GLU B 82 -4.59 22.25 -11.54
N GLU B 83 -5.01 21.10 -11.02
CA GLU B 83 -4.25 19.88 -11.23
C GLU B 83 -4.25 19.50 -12.70
N SER B 84 -5.37 19.71 -13.39
CA SER B 84 -5.40 19.43 -14.82
C SER B 84 -4.48 20.37 -15.59
N ARG B 85 -4.43 21.66 -15.21
CA ARG B 85 -3.48 22.57 -15.87
C ARG B 85 -2.04 22.16 -15.59
N LYS B 86 -1.75 21.69 -14.39
CA LYS B 86 -0.38 21.39 -14.01
C LYS B 86 0.16 20.20 -14.80
N TYR B 87 -0.70 19.25 -15.17
CA TYR B 87 -0.27 18.07 -15.93
C TYR B 87 -0.76 18.06 -17.36
N GLY B 88 -1.45 19.13 -17.80
CA GLY B 88 -1.85 19.27 -19.17
C GLY B 88 -2.81 18.21 -19.65
N ASP B 89 -3.69 17.73 -18.77
CA ASP B 89 -4.62 16.68 -19.15
C ASP B 89 -5.95 17.28 -19.58
N PRO B 90 -6.81 16.48 -20.24
CA PRO B 90 -8.01 17.04 -20.89
C PRO B 90 -9.29 16.94 -20.07
N LEU B 91 -9.19 16.66 -18.78
CA LEU B 91 -10.38 16.52 -17.98
C LEU B 91 -11.15 17.84 -17.94
N GLU B 92 -12.47 17.72 -17.96
CA GLU B 92 -13.35 18.88 -17.83
C GLU B 92 -14.19 18.66 -16.58
N PHE B 93 -14.46 19.75 -15.88
CA PHE B 93 -15.10 19.70 -14.57
C PHE B 93 -16.30 20.64 -14.53
N HIS B 94 -17.29 20.25 -13.73
CA HIS B 94 -18.49 21.04 -13.50
C HIS B 94 -18.77 21.13 -12.01
N VAL B 95 -19.28 22.29 -11.58
CA VAL B 95 -19.69 22.54 -10.21
C VAL B 95 -21.20 22.37 -10.17
N ARG B 96 -21.66 21.22 -9.65
CA ARG B 96 -23.08 20.89 -9.56
C ARG B 96 -23.31 20.00 -8.36
N ASP B 97 -24.49 20.17 -7.74
CA ASP B 97 -25.06 19.13 -6.88
C ASP B 97 -25.58 17.98 -7.76
N VAL B 98 -24.96 16.80 -7.61
CA VAL B 98 -25.32 15.67 -8.47
C VAL B 98 -26.80 15.33 -8.33
N ALA B 99 -27.38 15.54 -7.15
CA ALA B 99 -28.79 15.21 -6.98
C ALA B 99 -29.67 16.00 -7.95
N ASN B 100 -29.24 17.19 -8.34
CA ASN B 100 -30.02 18.08 -9.19
C ASN B 100 -29.23 18.50 -10.42
N MET B 101 -28.42 17.59 -10.96
CA MET B 101 -27.50 17.89 -12.03
C MET B 101 -28.21 17.95 -13.38
N GLU B 102 -27.89 18.99 -14.17
CA GLU B 102 -28.29 18.99 -15.56
C GLU B 102 -27.71 17.75 -16.25
N PRO B 103 -28.48 17.08 -17.11
CA PRO B 103 -27.95 15.88 -17.79
C PRO B 103 -26.69 16.18 -18.59
N LEU B 104 -25.71 15.28 -18.48
CA LEU B 104 -24.46 15.39 -19.22
C LEU B 104 -24.32 14.36 -20.33
N GLY B 105 -25.33 13.53 -20.56
CA GLY B 105 -25.26 12.50 -21.59
C GLY B 105 -24.92 11.15 -20.99
N GLN B 106 -24.80 10.17 -21.88
CA GLN B 106 -24.64 8.78 -21.49
C GLN B 106 -23.19 8.35 -21.68
N PHE B 107 -22.58 7.83 -20.60
CA PHE B 107 -21.19 7.44 -20.54
C PHE B 107 -21.08 5.91 -20.45
N ASP B 108 -19.91 5.38 -20.81
CA ASP B 108 -19.64 3.96 -20.58
C ASP B 108 -19.55 3.62 -19.09
N LEU B 109 -19.01 4.53 -18.28
CA LEU B 109 -18.70 4.25 -16.89
C LEU B 109 -19.00 5.48 -16.07
N VAL B 110 -19.72 5.32 -14.97
CA VAL B 110 -19.83 6.35 -13.94
C VAL B 110 -19.08 5.87 -12.72
N ASN B 111 -18.12 6.67 -12.26
CA ASN B 111 -17.45 6.42 -11.00
C ASN B 111 -17.97 7.40 -9.97
N ALA B 112 -18.34 6.90 -8.79
CA ALA B 112 -18.89 7.75 -7.75
C ALA B 112 -18.31 7.33 -6.41
N ALA B 113 -17.10 7.78 -6.13
CA ALA B 113 -16.44 7.44 -4.88
C ALA B 113 -16.79 8.52 -3.86
N TRP B 114 -17.61 8.16 -2.89
CA TRP B 114 -18.05 9.07 -1.81
C TRP B 114 -19.03 10.13 -2.34
N LEU B 115 -19.98 9.71 -3.17
CA LEU B 115 -21.13 10.55 -3.52
C LEU B 115 -22.34 10.27 -2.65
N PHE B 116 -22.75 9.01 -2.55
CA PHE B 116 -24.09 8.72 -2.05
C PHE B 116 -24.21 8.96 -0.55
N ASN B 117 -23.10 8.94 0.18
CA ASN B 117 -23.12 9.28 1.60
C ASN B 117 -23.33 10.77 1.86
N TYR B 118 -23.44 11.59 0.80
CA TYR B 118 -23.82 12.98 0.97
C TYR B 118 -25.27 13.25 0.62
N ALA B 119 -26.00 12.25 0.16
CA ALA B 119 -27.45 12.41 0.06
C ALA B 119 -28.02 12.63 1.46
N ASP B 120 -28.72 13.75 1.65
CA ASP B 120 -29.19 14.10 2.99
C ASP B 120 -30.60 13.64 3.26
N SER B 121 -31.18 12.88 2.35
CA SER B 121 -32.49 12.27 2.52
C SER B 121 -32.54 11.05 1.61
N VAL B 122 -33.42 10.11 1.93
CA VAL B 122 -33.68 9.01 1.01
C VAL B 122 -34.21 9.53 -0.33
N GLU B 123 -35.07 10.57 -0.31
CA GLU B 123 -35.45 11.21 -1.57
C GLU B 123 -34.23 11.60 -2.40
N ASN B 124 -33.24 12.25 -1.78
CA ASN B 124 -32.09 12.67 -2.57
C ASN B 124 -31.19 11.50 -2.93
N LEU B 125 -31.10 10.47 -2.08
CA LEU B 125 -30.43 9.25 -2.48
C LEU B 125 -31.04 8.68 -3.75
N ARG B 126 -32.36 8.60 -3.81
CA ARG B 126 -33.03 8.04 -4.99
C ARG B 126 -32.81 8.92 -6.21
N LYS B 127 -32.88 10.24 -6.05
CA LYS B 127 -32.61 11.17 -7.15
C LYS B 127 -31.20 10.96 -7.69
N MET B 128 -30.21 10.80 -6.81
CA MET B 128 -28.84 10.63 -7.30
C MET B 128 -28.72 9.37 -8.14
N PHE B 129 -29.38 8.29 -7.71
CA PHE B 129 -29.32 7.06 -8.50
C PHE B 129 -30.01 7.22 -9.85
N LYS B 130 -31.07 8.03 -9.92
CA LYS B 130 -31.69 8.28 -11.21
C LYS B 130 -30.77 9.10 -12.12
N VAL B 131 -30.07 10.08 -11.54
CA VAL B 131 -29.10 10.86 -12.30
C VAL B 131 -28.02 9.96 -12.86
N VAL B 132 -27.54 9.01 -12.06
CA VAL B 132 -26.49 8.10 -12.54
C VAL B 132 -27.03 7.23 -13.67
N ARG B 133 -28.26 6.73 -13.53
CA ARG B 133 -28.81 5.88 -14.57
C ARG B 133 -28.95 6.62 -15.89
N ALA B 134 -29.41 7.87 -15.86
CA ALA B 134 -29.53 8.68 -17.07
C ALA B 134 -28.17 9.06 -17.64
N SER B 135 -27.10 8.88 -16.86
N SER B 135 -27.09 8.90 -16.88
CA SER B 135 -25.74 9.16 -17.28
CA SER B 135 -25.76 9.18 -17.39
C SER B 135 -25.03 7.95 -17.86
C SER B 135 -25.02 7.93 -17.85
N LEU B 136 -25.74 6.84 -18.08
CA LEU B 136 -25.15 5.59 -18.54
C LEU B 136 -25.71 5.12 -19.87
N LYS B 137 -24.82 4.58 -20.71
CA LYS B 137 -25.22 3.78 -21.86
C LYS B 137 -25.84 2.47 -21.37
N PRO B 138 -26.68 1.83 -22.19
CA PRO B 138 -27.37 0.62 -21.69
C PRO B 138 -26.43 -0.49 -21.28
N ASP B 139 -25.26 -0.57 -21.91
CA ASP B 139 -24.23 -1.54 -21.56
C ASP B 139 -23.15 -0.97 -20.64
N GLY B 140 -23.41 0.19 -20.04
CA GLY B 140 -22.46 0.78 -19.11
C GLY B 140 -22.61 0.26 -17.69
N LYS B 141 -21.82 0.84 -16.78
CA LYS B 141 -21.93 0.43 -15.39
C LYS B 141 -21.55 1.58 -14.46
N LEU B 142 -22.11 1.52 -13.25
CA LEU B 142 -21.75 2.41 -12.16
C LEU B 142 -20.81 1.68 -11.23
N VAL B 143 -19.72 2.32 -10.84
CA VAL B 143 -18.85 1.84 -9.76
C VAL B 143 -18.89 2.90 -8.67
N ALA B 144 -19.37 2.50 -7.49
CA ALA B 144 -19.53 3.44 -6.39
C ALA B 144 -18.78 2.96 -5.16
N TYR B 145 -18.50 3.91 -4.28
CA TYR B 145 -17.86 3.62 -3.00
C TYR B 145 -18.63 4.47 -1.99
N THR B 146 -19.13 3.84 -0.93
CA THR B 146 -19.96 4.60 -0.02
C THR B 146 -19.79 4.01 1.36
N VAL B 147 -20.54 4.59 2.30
CA VAL B 147 -20.60 4.10 3.68
C VAL B 147 -21.33 2.77 3.74
N ASP B 148 -20.71 1.79 4.40
CA ASP B 148 -21.37 0.50 4.62
C ASP B 148 -22.61 0.69 5.51
N PRO B 149 -23.81 0.32 5.05
CA PRO B 149 -24.99 0.47 5.91
C PRO B 149 -24.83 -0.14 7.28
N ASP B 150 -23.99 -1.16 7.42
CA ASP B 150 -23.90 -1.90 8.66
C ASP B 150 -22.93 -1.28 9.66
N PHE B 151 -22.21 -0.23 9.28
CA PHE B 151 -21.30 0.41 10.22
C PHE B 151 -22.05 0.87 11.47
N SER B 152 -21.43 0.69 12.64
CA SER B 152 -21.99 1.14 13.91
C SER B 152 -20.87 1.79 14.71
N LEU B 153 -21.05 3.08 15.05
CA LEU B 153 -19.95 3.81 15.70
C LEU B 153 -19.54 3.14 17.01
N ALA B 154 -20.50 2.64 17.80
CA ALA B 154 -20.15 2.04 19.08
C ALA B 154 -19.31 0.76 18.94
N LYS B 155 -19.30 0.14 17.76
CA LYS B 155 -18.51 -1.05 17.55
C LYS B 155 -17.06 -0.72 17.21
N GLY B 156 -16.75 0.55 17.01
CA GLY B 156 -15.37 0.97 16.79
C GLY B 156 -15.21 2.12 15.84
N ASN B 157 -14.46 3.13 16.29
CA ASN B 157 -14.19 4.31 15.47
C ASN B 157 -13.23 3.95 14.34
N PHE B 158 -13.19 4.80 13.32
CA PHE B 158 -12.30 4.65 12.17
C PHE B 158 -11.13 5.63 12.19
N ALA B 159 -10.88 6.29 13.32
CA ALA B 159 -9.84 7.30 13.36
C ALA B 159 -8.47 6.74 12.94
N LYS B 160 -8.12 5.53 13.42
CA LYS B 160 -6.81 4.98 13.10
C LYS B 160 -6.64 4.73 11.60
N TYR B 161 -7.74 4.63 10.85
CA TYR B 161 -7.65 4.44 9.41
C TYR B 161 -7.77 5.75 8.65
N GLY B 162 -7.97 6.87 9.33
CA GLY B 162 -7.98 8.18 8.70
C GLY B 162 -9.24 8.99 8.93
N VAL B 163 -10.31 8.41 9.48
CA VAL B 163 -11.59 9.11 9.57
C VAL B 163 -12.07 9.02 11.01
N ASN B 164 -12.02 10.13 11.73
CA ASN B 164 -12.49 10.17 13.12
C ASN B 164 -13.98 10.50 13.11
N VAL B 165 -14.79 9.47 13.31
CA VAL B 165 -16.25 9.63 13.32
C VAL B 165 -16.64 10.08 14.72
N LEU B 166 -17.19 11.30 14.83
CA LEU B 166 -17.38 11.96 16.11
C LEU B 166 -18.69 11.60 16.77
N ASN B 167 -19.74 11.32 16.01
CA ASN B 167 -21.01 11.01 16.62
C ASN B 167 -21.87 10.23 15.63
N GLU B 168 -23.05 9.85 16.08
CA GLU B 168 -23.97 9.05 15.28
C GLU B 168 -25.36 9.43 15.76
N ARG B 169 -26.13 10.12 14.93
N ARG B 169 -26.12 10.06 14.88
CA ARG B 169 -27.45 10.52 15.40
CA ARG B 169 -27.42 10.62 15.23
C ARG B 169 -28.48 10.13 14.37
C ARG B 169 -28.47 10.03 14.31
N ALA B 170 -29.64 9.71 14.88
CA ALA B 170 -30.74 9.31 14.03
C ALA B 170 -31.10 10.45 13.11
N TRP B 171 -31.34 10.13 11.84
CA TRP B 171 -31.72 11.12 10.84
C TRP B 171 -32.82 10.50 9.95
N GLY B 172 -34.08 10.70 10.35
CA GLY B 172 -35.15 10.04 9.67
C GLY B 172 -34.94 8.53 9.65
N PRO B 173 -34.97 7.93 8.45
CA PRO B 173 -34.78 6.49 8.34
C PRO B 173 -33.33 6.04 8.34
N GLY B 174 -32.37 6.97 8.40
CA GLY B 174 -30.97 6.62 8.45
C GLY B 174 -30.27 7.25 9.64
N TYR B 175 -28.97 7.48 9.49
CA TYR B 175 -28.13 8.11 10.51
C TYR B 175 -27.28 9.19 9.89
N ARG B 176 -27.01 10.24 10.68
CA ARG B 176 -26.08 11.31 10.31
C ARG B 176 -24.84 11.19 11.18
N HIS B 177 -23.67 11.34 10.55
CA HIS B 177 -22.39 11.27 11.25
C HIS B 177 -21.65 12.57 11.04
N ASP B 178 -21.27 13.25 12.14
CA ASP B 178 -20.25 14.30 12.06
C ASP B 178 -18.90 13.61 12.19
N ALA B 179 -17.91 14.06 11.43
CA ALA B 179 -16.61 13.39 11.44
C ALA B 179 -15.51 14.42 11.16
N GLU B 180 -14.27 13.95 11.25
N GLU B 180 -14.27 13.94 11.23
CA GLU B 180 -13.15 14.76 10.81
CA GLU B 180 -13.11 14.73 10.86
C GLU B 180 -12.14 13.85 10.14
C GLU B 180 -12.12 13.83 10.14
N PHE B 181 -11.64 14.28 9.00
CA PHE B 181 -10.46 13.65 8.42
C PHE B 181 -9.27 13.90 9.34
N VAL B 182 -8.43 12.88 9.48
CA VAL B 182 -7.28 13.01 10.38
C VAL B 182 -6.20 13.77 9.59
N THR B 183 -6.17 15.08 9.80
CA THR B 183 -5.28 15.99 9.10
C THR B 183 -4.81 17.01 10.12
N ASP B 184 -3.91 17.89 9.68
CA ASP B 184 -3.39 18.95 10.52
C ASP B 184 -3.73 20.29 9.90
N PRO B 185 -4.76 20.98 10.45
CA PRO B 185 -5.60 20.53 11.56
C PRO B 185 -6.72 19.61 11.08
N PRO B 186 -7.46 18.97 11.99
CA PRO B 186 -8.56 18.10 11.55
C PRO B 186 -9.57 18.85 10.69
N SER B 187 -10.12 18.16 9.70
CA SER B 187 -11.06 18.78 8.77
C SER B 187 -12.45 18.19 9.00
N GLN B 188 -13.37 19.03 9.46
CA GLN B 188 -14.73 18.58 9.78
C GLN B 188 -15.58 18.38 8.53
N PHE B 189 -16.31 17.26 8.53
CA PHE B 189 -17.32 17.02 7.52
C PHE B 189 -18.42 16.17 8.15
N SER B 190 -19.54 16.09 7.45
N SER B 190 -19.52 16.02 7.42
CA SER B 190 -20.70 15.31 7.89
CA SER B 190 -20.68 15.30 7.92
C SER B 190 -21.15 14.43 6.73
C SER B 190 -21.29 14.50 6.78
N PHE B 191 -21.68 13.27 7.05
CA PHE B 191 -22.21 12.39 6.02
C PHE B 191 -23.36 11.59 6.59
N TYR B 192 -23.97 10.80 5.73
CA TYR B 192 -25.19 10.07 6.02
C TYR B 192 -25.02 8.60 5.73
N ARG B 193 -25.62 7.79 6.59
CA ARG B 193 -25.60 6.34 6.48
C ARG B 193 -27.03 5.87 6.27
N TRP B 194 -27.36 5.56 5.02
CA TRP B 194 -28.65 5.01 4.67
C TRP B 194 -28.60 3.49 4.69
N SER B 195 -29.78 2.89 4.92
CA SER B 195 -29.88 1.45 5.08
C SER B 195 -29.67 0.72 3.76
N ARG B 196 -29.31 -0.55 3.88
CA ARG B 196 -29.09 -1.37 2.71
C ARG B 196 -30.37 -1.51 1.90
N ALA B 197 -31.51 -1.67 2.59
CA ALA B 197 -32.78 -1.77 1.89
C ALA B 197 -33.07 -0.50 1.09
N ASP B 198 -32.76 0.67 1.66
CA ASP B 198 -33.08 1.93 0.97
C ASP B 198 -32.13 2.14 -0.20
N TYR B 199 -30.87 1.70 -0.06
CA TYR B 199 -29.99 1.71 -1.21
C TYR B 199 -30.54 0.83 -2.33
N GLU B 200 -30.88 -0.42 -1.99
CA GLU B 200 -31.30 -1.37 -3.02
C GLU B 200 -32.61 -0.92 -3.67
N SER B 201 -33.52 -0.31 -2.89
CA SER B 201 -34.73 0.25 -3.48
C SER B 201 -34.40 1.38 -4.43
N ALA B 202 -33.46 2.26 -4.05
CA ALA B 202 -33.05 3.35 -4.93
C ALA B 202 -32.47 2.81 -6.23
N ILE B 203 -31.65 1.77 -6.13
CA ILE B 203 -31.03 1.15 -7.29
C ILE B 203 -32.08 0.57 -8.22
N ALA B 204 -32.99 -0.23 -7.68
CA ALA B 204 -34.05 -0.82 -8.49
C ALA B 204 -34.95 0.24 -9.10
N ASP B 205 -35.37 1.24 -8.32
CA ASP B 205 -36.31 2.21 -8.85
C ASP B 205 -35.65 3.19 -9.81
N ALA B 206 -34.31 3.24 -9.82
CA ALA B 206 -33.59 4.00 -10.83
C ALA B 206 -33.41 3.22 -12.14
N GLY B 207 -33.83 1.96 -12.18
CA GLY B 207 -33.72 1.19 -13.39
C GLY B 207 -32.42 0.45 -13.56
N PHE B 208 -31.76 0.07 -12.46
CA PHE B 208 -30.63 -0.85 -12.51
C PHE B 208 -31.16 -2.25 -12.24
N SER B 209 -31.04 -3.16 -13.22
CA SER B 209 -31.47 -4.54 -13.03
C SER B 209 -30.45 -5.38 -12.27
N HIS B 210 -29.21 -4.91 -12.12
CA HIS B 210 -28.15 -5.70 -11.51
C HIS B 210 -27.39 -4.83 -10.54
N PHE B 211 -27.10 -5.36 -9.35
CA PHE B 211 -26.22 -4.67 -8.43
C PHE B 211 -25.43 -5.69 -7.62
N GLU B 212 -24.29 -5.24 -7.08
CA GLU B 212 -23.45 -6.12 -6.27
C GLU B 212 -22.68 -5.26 -5.29
N TRP B 213 -22.76 -5.61 -4.00
CA TRP B 213 -21.92 -4.97 -3.00
C TRP B 213 -20.54 -5.63 -3.02
N GLN B 214 -19.52 -4.82 -2.74
CA GLN B 214 -18.12 -5.29 -2.83
C GLN B 214 -17.38 -4.99 -1.53
N LYS B 215 -16.87 -6.05 -0.90
CA LYS B 215 -16.06 -5.86 0.30
C LYS B 215 -14.72 -5.22 -0.05
N PRO B 216 -14.22 -4.30 0.77
CA PRO B 216 -12.90 -3.72 0.49
C PRO B 216 -11.83 -4.82 0.45
N LEU B 217 -10.91 -4.69 -0.49
CA LEU B 217 -9.92 -5.74 -0.77
C LEU B 217 -8.67 -5.60 0.12
N LEU B 218 -8.86 -5.86 1.40
CA LEU B 218 -7.72 -5.96 2.30
C LEU B 218 -6.93 -7.24 1.99
N GLU B 219 -5.59 -7.13 1.93
CA GLU B 219 -4.75 -8.23 1.47
C GLU B 219 -3.70 -8.61 2.50
N ALA B 220 -3.07 -9.76 2.26
CA ALA B 220 -2.08 -10.29 3.19
C ALA B 220 -0.98 -9.27 3.50
N ASP B 221 -0.49 -8.57 2.47
CA ASP B 221 0.60 -7.62 2.72
C ASP B 221 0.16 -6.47 3.61
N ASP B 222 -1.12 -6.06 3.53
CA ASP B 222 -1.63 -4.99 4.39
C ASP B 222 -1.62 -5.42 5.85
N ILE B 223 -2.04 -6.66 6.12
CA ILE B 223 -2.00 -7.18 7.47
C ILE B 223 -0.57 -7.33 7.97
N ALA B 224 0.34 -7.77 7.09
CA ALA B 224 1.71 -8.04 7.48
C ALA B 224 2.43 -6.78 7.98
N THR B 225 2.13 -5.62 7.37
CA THR B 225 2.89 -4.40 7.58
C THR B 225 2.23 -3.45 8.58
N HIS B 226 1.24 -3.91 9.32
CA HIS B 226 0.71 -3.15 10.44
C HIS B 226 0.75 -4.06 11.66
N PRO B 227 0.74 -3.48 12.86
CA PRO B 227 0.72 -4.31 14.07
C PRO B 227 -0.43 -5.30 14.01
N PRO B 228 -0.27 -6.51 14.53
CA PRO B 228 -1.39 -7.47 14.50
C PRO B 228 -2.64 -6.86 15.10
N GLY B 229 -3.78 -7.21 14.50
CA GLY B 229 -5.05 -6.67 14.92
C GLY B 229 -5.35 -5.25 14.50
N PHE B 230 -4.41 -4.57 13.85
CA PHE B 230 -4.65 -3.19 13.42
C PHE B 230 -5.90 -3.09 12.57
N TRP B 231 -6.14 -4.07 11.70
CA TRP B 231 -7.25 -4.05 10.77
C TRP B 231 -8.52 -4.70 11.31
N ASP B 232 -8.57 -5.06 12.61
CA ASP B 232 -9.73 -5.78 13.13
C ASP B 232 -11.02 -4.98 13.01
N VAL B 233 -11.01 -3.70 13.44
CA VAL B 233 -12.19 -2.86 13.31
C VAL B 233 -12.56 -2.66 11.84
N PHE B 234 -11.55 -2.46 10.99
CA PHE B 234 -11.81 -2.34 9.56
C PHE B 234 -12.56 -3.56 9.05
N GLN B 235 -12.25 -4.75 9.58
CA GLN B 235 -12.84 -5.97 9.08
C GLN B 235 -14.19 -6.29 9.74
N ASN B 236 -14.36 -5.99 11.02
N ASN B 236 -14.33 -5.96 11.02
CA ASN B 236 -15.60 -6.38 11.70
CA ASN B 236 -15.51 -6.34 11.78
C ASN B 236 -16.58 -5.23 11.86
C ASN B 236 -16.58 -5.25 11.79
N ASN B 237 -16.19 -4.03 11.45
CA ASN B 237 -17.07 -2.88 11.53
C ASN B 237 -16.69 -1.86 10.46
N CYS B 238 -16.59 -2.33 9.22
CA CYS B 238 -16.09 -1.47 8.16
C CYS B 238 -17.00 -0.25 7.98
N LEU B 239 -16.37 0.91 7.79
CA LEU B 239 -17.12 2.12 7.47
C LEU B 239 -17.46 2.20 5.99
N GLN B 240 -16.76 1.44 5.15
CA GLN B 240 -16.82 1.60 3.71
C GLN B 240 -17.21 0.32 2.98
N THR B 241 -17.76 0.49 1.78
CA THR B 241 -18.12 -0.62 0.90
C THR B 241 -18.08 -0.13 -0.54
N GLY B 242 -17.74 -1.04 -1.44
CA GLY B 242 -17.91 -0.79 -2.87
C GLY B 242 -19.32 -1.22 -3.33
N LEU B 243 -19.73 -0.75 -4.53
CA LEU B 243 -21.02 -1.07 -5.10
C LEU B 243 -20.88 -0.96 -6.61
N VAL B 244 -21.32 -1.98 -7.34
CA VAL B 244 -21.42 -1.94 -8.80
C VAL B 244 -22.87 -2.13 -9.19
N CYS B 245 -23.36 -1.28 -10.08
CA CYS B 245 -24.72 -1.39 -10.60
C CYS B 245 -24.68 -1.32 -12.12
N LYS B 246 -25.57 -2.08 -12.75
CA LYS B 246 -25.68 -2.13 -14.21
C LYS B 246 -27.13 -2.03 -14.62
N PRO B 247 -27.44 -1.32 -15.72
CA PRO B 247 -28.82 -1.17 -16.16
C PRO B 247 -29.50 -2.53 -16.37
#